data_1VNH
#
_entry.id   1VNH
#
_cell.length_a   131.340
_cell.length_b   131.340
_cell.length_c   112.660
_cell.angle_alpha   90.00
_cell.angle_beta   90.00
_cell.angle_gamma   120.00
#
_symmetry.space_group_name_H-M   'H 3'
#
loop_
_entity.id
_entity.type
_entity.pdbx_description
1 polymer 'VANADIUM CHLOROPEROXIDASE'
2 non-polymer 'VANADATE ION'
3 water water
#
_entity_poly.entity_id   1
_entity_poly.type   'polypeptide(L)'
_entity_poly.pdbx_seq_one_letter_code
;MGSVTPIPLPKIDEPEEYNTNYILFWNHVGLELNRVTHTVGGPLTGPPLSARALGMLHLAIHDAYFSICPPTDFTTFLSP
DTENAAYRLPSPNGANDARQAVAGAALKMLSSLYMKPVEQPNPNPGANISDNAYAQLGLVLDRSVLEAPGGVDRESASFM
FGEDVADVFFALLNDPRGASQEGYHPTPGRYKFDDEPTHPVVLIPVDPNNPNGPKMPFRQYHAPFYGKTTKRFATQSEHF
LADPPGLRSNADETAEYDDAVRVAIAMGGAQALNSTKRSPWQTAQGLYWAYDGSNLIGTPPRFYNQIVRRIAVTYKKEED
LANSEVNNADFARLFALVDVACTDAGIFSWKEKWEFEFWRPLSGVRDDGRPDHGDPFWLTLGAPATNTNDIPFKPPFPAY
PSGHATFGGAVFQMVRRYYNGRVGTWKDDEPDNIAIDMMISEELNGVNRDLRQPYDPTAPIEDQPGIVRTRIVRHFDSAW
ELMFENAISRIFLGVAWRFDAAAARDILIPTTTKDVYAVDNNGATVFQNVEDIRYTTRGTREDEEGLFPIGGVPLGIEIA
DEIFNNGLKPTPPEIQPMPQETPVQKPVGQQPVKGMWEEEQAPVVKEAP
;
_entity_poly.pdbx_strand_id   A
#
loop_
_chem_comp.id
_chem_comp.type
_chem_comp.name
_chem_comp.formula
VO4 non-polymer 'VANADATE ION' 'O4 V -3'
#
# COMPACT_ATOMS: atom_id res chain seq x y z
N VAL A 4 -17.81 11.55 22.27
CA VAL A 4 -16.87 12.39 21.46
C VAL A 4 -17.59 12.68 20.15
N THR A 5 -17.21 13.77 19.49
CA THR A 5 -17.82 14.13 18.22
C THR A 5 -17.23 13.27 17.11
N PRO A 6 -18.07 12.48 16.43
CA PRO A 6 -17.62 11.61 15.34
C PRO A 6 -17.14 12.45 14.17
N ILE A 7 -16.06 12.00 13.53
CA ILE A 7 -15.53 12.71 12.37
C ILE A 7 -16.46 12.47 11.17
N PRO A 8 -16.87 13.55 10.48
CA PRO A 8 -17.75 13.43 9.32
C PRO A 8 -16.93 12.94 8.12
N LEU A 9 -17.09 11.68 7.74
CA LEU A 9 -16.33 11.11 6.63
C LEU A 9 -17.02 11.35 5.29
N PRO A 10 -16.26 11.77 4.27
CA PRO A 10 -16.88 11.98 2.97
C PRO A 10 -17.37 10.67 2.33
N LYS A 11 -18.35 10.80 1.45
CA LYS A 11 -18.97 9.66 0.77
C LYS A 11 -17.99 8.97 -0.18
N ILE A 12 -18.07 7.64 -0.22
CA ILE A 12 -17.21 6.83 -1.07
C ILE A 12 -17.85 6.66 -2.45
N ASP A 13 -17.06 6.79 -3.51
CA ASP A 13 -17.56 6.63 -4.86
C ASP A 13 -17.59 5.15 -5.23
N GLU A 14 -18.67 4.50 -4.86
CA GLU A 14 -18.83 3.07 -5.12
C GLU A 14 -20.30 2.72 -4.93
N PRO A 15 -20.85 1.81 -5.77
CA PRO A 15 -22.26 1.40 -5.66
C PRO A 15 -22.52 0.86 -4.26
N GLU A 16 -23.55 1.35 -3.60
CA GLU A 16 -23.82 0.89 -2.24
C GLU A 16 -24.20 -0.57 -2.15
N GLU A 17 -24.52 -1.17 -3.29
CA GLU A 17 -24.87 -2.59 -3.34
C GLU A 17 -23.71 -3.46 -2.89
N TYR A 18 -22.48 -3.01 -3.13
CA TYR A 18 -21.30 -3.78 -2.75
C TYR A 18 -21.38 -4.28 -1.32
N ASN A 19 -21.74 -3.37 -0.42
CA ASN A 19 -21.80 -3.71 0.99
C ASN A 19 -22.96 -4.59 1.46
N THR A 20 -23.72 -5.16 0.52
CA THR A 20 -24.79 -6.07 0.90
C THR A 20 -24.14 -7.44 1.09
N ASN A 21 -22.95 -7.59 0.53
CA ASN A 21 -22.17 -8.81 0.65
C ASN A 21 -21.32 -8.66 1.91
N TYR A 22 -21.43 -9.60 2.84
CA TYR A 22 -20.66 -9.48 4.10
C TYR A 22 -19.14 -9.58 4.01
N ILE A 23 -18.60 -10.13 2.91
CA ILE A 23 -17.16 -10.20 2.77
C ILE A 23 -16.70 -8.79 2.38
N LEU A 24 -17.42 -8.17 1.45
CA LEU A 24 -17.11 -6.81 1.02
C LEU A 24 -17.34 -5.83 2.17
N PHE A 25 -18.39 -6.05 2.95
CA PHE A 25 -18.67 -5.18 4.07
C PHE A 25 -17.51 -5.12 5.08
N TRP A 26 -17.00 -6.28 5.47
CA TRP A 26 -15.91 -6.31 6.43
C TRP A 26 -14.62 -5.77 5.84
N ASN A 27 -14.45 -5.91 4.53
CA ASN A 27 -13.29 -5.34 3.84
C ASN A 27 -13.43 -3.81 3.97
N HIS A 28 -14.63 -3.33 3.71
CA HIS A 28 -14.97 -1.91 3.78
C HIS A 28 -14.66 -1.34 5.17
N VAL A 29 -14.99 -2.09 6.22
CA VAL A 29 -14.73 -1.64 7.59
C VAL A 29 -13.23 -1.46 7.81
N GLY A 30 -12.45 -2.38 7.26
CA GLY A 30 -11.00 -2.30 7.38
C GLY A 30 -10.49 -1.05 6.67
N LEU A 31 -11.08 -0.72 5.53
CA LEU A 31 -10.69 0.46 4.77
C LEU A 31 -11.09 1.74 5.51
N GLU A 32 -12.23 1.72 6.21
CA GLU A 32 -12.69 2.88 6.97
C GLU A 32 -11.73 3.17 8.10
N LEU A 33 -11.30 2.12 8.79
CA LEU A 33 -10.34 2.25 9.89
C LEU A 33 -9.01 2.77 9.35
N ASN A 34 -8.66 2.35 8.14
CA ASN A 34 -7.43 2.78 7.48
C ASN A 34 -7.45 4.31 7.36
N ARG A 35 -8.47 4.85 6.72
CA ARG A 35 -8.54 6.30 6.56
C ARG A 35 -8.73 7.09 7.84
N VAL A 36 -9.48 6.53 8.79
CA VAL A 36 -9.70 7.21 10.07
C VAL A 36 -8.43 7.25 10.91
N THR A 37 -7.68 6.14 10.97
CA THR A 37 -6.47 6.13 11.75
C THR A 37 -5.45 7.13 11.19
N HIS A 38 -5.48 7.36 9.88
CA HIS A 38 -4.58 8.31 9.26
C HIS A 38 -5.05 9.75 9.43
N THR A 39 -6.28 9.92 9.89
CA THR A 39 -6.85 11.24 10.12
C THR A 39 -6.62 11.63 11.59
N VAL A 40 -6.72 10.65 12.49
CA VAL A 40 -6.53 10.89 13.93
C VAL A 40 -5.15 10.54 14.47
N GLY A 41 -4.33 9.88 13.66
CA GLY A 41 -3.01 9.50 14.12
C GLY A 41 -3.08 8.31 15.07
N GLY A 42 -3.88 7.31 14.70
CA GLY A 42 -4.03 6.12 15.53
C GLY A 42 -2.97 5.10 15.18
N PRO A 43 -3.15 3.83 15.60
CA PRO A 43 -2.18 2.76 15.32
C PRO A 43 -2.20 2.27 13.86
N LEU A 44 -1.15 1.54 13.49
CA LEU A 44 -1.01 0.97 12.16
C LEU A 44 -1.05 1.95 11.00
N THR A 45 -0.34 3.07 11.15
CA THR A 45 -0.26 4.07 10.10
C THR A 45 0.92 3.75 9.19
N GLY A 46 1.00 4.43 8.05
CA GLY A 46 2.09 4.19 7.13
C GLY A 46 1.78 3.07 6.17
N PRO A 47 2.50 3.00 5.05
CA PRO A 47 2.30 1.97 4.01
C PRO A 47 2.45 0.50 4.39
N PRO A 48 3.65 0.07 4.86
CA PRO A 48 3.82 -1.35 5.21
C PRO A 48 2.90 -1.93 6.29
N LEU A 49 2.70 -1.20 7.38
CA LEU A 49 1.86 -1.69 8.46
C LEU A 49 0.37 -1.65 8.14
N SER A 50 -0.07 -0.64 7.38
CA SER A 50 -1.49 -0.58 7.02
C SER A 50 -1.84 -1.75 6.09
N ALA A 51 -0.85 -2.19 5.29
CA ALA A 51 -1.05 -3.34 4.41
C ALA A 51 -1.15 -4.60 5.28
N ARG A 52 -0.26 -4.69 6.26
CA ARG A 52 -0.22 -5.84 7.18
C ARG A 52 -1.57 -6.04 7.88
N ALA A 53 -2.20 -4.96 8.30
CA ALA A 53 -3.50 -5.01 8.97
C ALA A 53 -4.57 -5.64 8.07
N LEU A 54 -4.60 -5.27 6.79
CA LEU A 54 -5.57 -5.82 5.85
C LEU A 54 -5.28 -7.29 5.51
N GLY A 55 -3.99 -7.64 5.49
CA GLY A 55 -3.62 -9.02 5.24
C GLY A 55 -4.10 -9.88 6.39
N MET A 56 -3.91 -9.39 7.62
CA MET A 56 -4.33 -10.12 8.80
C MET A 56 -5.86 -10.27 8.84
N LEU A 57 -6.56 -9.18 8.54
CA LEU A 57 -8.01 -9.19 8.51
C LEU A 57 -8.53 -10.24 7.54
N HIS A 58 -8.03 -10.22 6.32
CA HIS A 58 -8.49 -11.16 5.33
C HIS A 58 -8.04 -12.60 5.47
N LEU A 59 -6.97 -12.81 6.23
CA LEU A 59 -6.48 -14.15 6.48
C LEU A 59 -7.45 -14.79 7.48
N ALA A 60 -7.81 -14.01 8.50
CA ALA A 60 -8.76 -14.46 9.53
C ALA A 60 -10.13 -14.75 8.90
N ILE A 61 -10.59 -13.84 8.05
CA ILE A 61 -11.86 -14.02 7.35
C ILE A 61 -11.79 -15.27 6.50
N HIS A 62 -10.73 -15.38 5.70
CA HIS A 62 -10.53 -16.52 4.81
C HIS A 62 -10.66 -17.84 5.55
N ASP A 63 -9.94 -18.00 6.65
CA ASP A 63 -10.00 -19.24 7.40
C ASP A 63 -11.31 -19.47 8.14
N ALA A 64 -11.93 -18.40 8.61
CA ALA A 64 -13.21 -18.54 9.32
C ALA A 64 -14.27 -19.08 8.34
N TYR A 65 -14.28 -18.53 7.13
CA TYR A 65 -15.22 -18.93 6.11
C TYR A 65 -14.98 -20.33 5.56
N PHE A 66 -13.75 -20.62 5.16
CA PHE A 66 -13.42 -21.92 4.60
C PHE A 66 -13.37 -23.08 5.57
N SER A 67 -13.43 -22.78 6.86
CA SER A 67 -13.47 -23.83 7.86
C SER A 67 -14.90 -24.35 7.87
N ILE A 68 -15.84 -23.42 7.81
CA ILE A 68 -17.27 -23.72 7.82
C ILE A 68 -17.79 -24.13 6.44
N CYS A 69 -17.26 -23.52 5.39
CA CYS A 69 -17.65 -23.84 4.03
C CYS A 69 -16.39 -24.29 3.30
N PRO A 70 -15.98 -25.55 3.51
CA PRO A 70 -14.80 -26.18 2.92
C PRO A 70 -14.65 -26.03 1.41
N PRO A 71 -13.46 -25.58 0.96
CA PRO A 71 -13.12 -25.39 -0.45
C PRO A 71 -12.67 -26.70 -1.09
N THR A 72 -12.70 -26.76 -2.42
CA THR A 72 -12.30 -27.97 -3.11
C THR A 72 -10.92 -27.87 -3.77
N ASP A 73 -10.65 -26.74 -4.40
CA ASP A 73 -9.39 -26.54 -5.10
C ASP A 73 -8.20 -26.09 -4.25
N PHE A 74 -8.45 -25.75 -3.00
CA PHE A 74 -7.40 -25.31 -2.10
C PHE A 74 -7.86 -25.58 -0.68
N THR A 75 -7.03 -25.23 0.29
CA THR A 75 -7.37 -25.44 1.69
C THR A 75 -7.18 -24.14 2.47
N THR A 76 -7.40 -24.22 3.78
CA THR A 76 -7.23 -23.07 4.65
C THR A 76 -5.73 -22.76 4.78
N PHE A 77 -5.43 -21.53 5.21
CA PHE A 77 -4.05 -21.08 5.40
C PHE A 77 -3.42 -21.94 6.50
N LEU A 78 -4.11 -22.03 7.63
CA LEU A 78 -3.67 -22.84 8.76
C LEU A 78 -4.56 -24.08 8.75
N SER A 79 -4.15 -25.13 9.45
CA SER A 79 -4.96 -26.35 9.52
C SER A 79 -5.22 -26.72 10.98
N PRO A 80 -6.31 -27.45 11.24
CA PRO A 80 -6.62 -27.85 12.62
C PRO A 80 -5.72 -28.96 13.14
N ASP A 81 -5.07 -29.67 12.23
CA ASP A 81 -4.20 -30.78 12.58
C ASP A 81 -2.72 -30.43 12.69
N THR A 82 -2.41 -29.14 12.82
CA THR A 82 -1.02 -28.72 12.94
C THR A 82 -0.52 -29.08 14.34
N GLU A 83 0.66 -29.69 14.41
CA GLU A 83 1.23 -30.06 15.70
C GLU A 83 1.72 -28.79 16.40
N ASN A 84 2.17 -27.82 15.61
CA ASN A 84 2.64 -26.55 16.13
C ASN A 84 1.41 -25.73 16.54
N ALA A 85 1.24 -25.55 17.84
CA ALA A 85 0.11 -24.81 18.39
C ALA A 85 -0.06 -23.42 17.78
N ALA A 86 1.05 -22.76 17.49
CA ALA A 86 1.02 -21.41 16.92
C ALA A 86 0.36 -21.37 15.55
N TYR A 87 0.39 -22.50 14.85
CA TYR A 87 -0.19 -22.60 13.52
C TYR A 87 -1.40 -23.52 13.48
N ARG A 88 -1.95 -23.84 14.65
CA ARG A 88 -3.10 -24.72 14.72
C ARG A 88 -4.41 -23.94 14.69
N LEU A 89 -5.18 -24.16 13.63
CA LEU A 89 -6.46 -23.49 13.44
C LEU A 89 -7.55 -24.14 14.29
N PRO A 90 -8.42 -23.33 14.92
CA PRO A 90 -9.49 -23.87 15.76
C PRO A 90 -10.49 -24.64 14.92
N SER A 91 -11.22 -25.56 15.55
CA SER A 91 -12.22 -26.35 14.83
C SER A 91 -13.60 -25.78 15.13
N PRO A 92 -14.49 -25.78 14.12
CA PRO A 92 -15.86 -25.28 14.25
C PRO A 92 -16.66 -25.94 15.38
N ASN A 93 -16.60 -27.26 15.43
CA ASN A 93 -17.30 -28.06 16.44
C ASN A 93 -18.78 -27.71 16.54
N GLY A 94 -19.48 -27.78 15.42
CA GLY A 94 -20.89 -27.46 15.41
C GLY A 94 -21.20 -26.16 14.69
N ALA A 95 -20.31 -25.17 14.83
CA ALA A 95 -20.49 -23.88 14.19
C ALA A 95 -20.68 -24.07 12.69
N ASN A 96 -21.78 -23.55 12.16
CA ASN A 96 -22.07 -23.68 10.74
C ASN A 96 -22.65 -22.40 10.12
N ASP A 97 -22.51 -21.28 10.82
CA ASP A 97 -22.99 -20.01 10.29
C ASP A 97 -21.78 -19.19 9.84
N ALA A 98 -21.44 -19.31 8.56
CA ALA A 98 -20.30 -18.60 7.98
C ALA A 98 -20.41 -17.08 8.15
N ARG A 99 -21.60 -16.52 8.01
CA ARG A 99 -21.80 -15.08 8.16
C ARG A 99 -21.34 -14.61 9.54
N GLN A 100 -21.74 -15.34 10.57
CA GLN A 100 -21.35 -14.99 11.93
C GLN A 100 -19.90 -15.36 12.18
N ALA A 101 -19.40 -16.37 11.48
CA ALA A 101 -18.01 -16.78 11.64
C ALA A 101 -17.12 -15.65 11.11
N VAL A 102 -17.46 -15.13 9.94
CA VAL A 102 -16.72 -14.04 9.33
C VAL A 102 -16.81 -12.79 10.21
N ALA A 103 -18.02 -12.51 10.72
CA ALA A 103 -18.22 -11.36 11.58
C ALA A 103 -17.34 -11.43 12.83
N GLY A 104 -17.31 -12.59 13.48
CA GLY A 104 -16.50 -12.77 14.67
C GLY A 104 -15.02 -12.59 14.39
N ALA A 105 -14.55 -13.17 13.29
CA ALA A 105 -13.15 -13.06 12.90
C ALA A 105 -12.80 -11.60 12.62
N ALA A 106 -13.60 -10.95 11.78
CA ALA A 106 -13.39 -9.56 11.41
C ALA A 106 -13.42 -8.61 12.59
N LEU A 107 -14.46 -8.71 13.41
CA LEU A 107 -14.59 -7.84 14.58
C LEU A 107 -13.48 -8.06 15.59
N LYS A 108 -13.10 -9.32 15.80
CA LYS A 108 -12.03 -9.65 16.75
C LYS A 108 -10.70 -9.09 16.27
N MET A 109 -10.35 -9.39 15.02
CA MET A 109 -9.10 -8.93 14.44
C MET A 109 -8.98 -7.40 14.46
N LEU A 110 -9.99 -6.72 13.94
CA LEU A 110 -9.98 -5.26 13.89
C LEU A 110 -9.92 -4.64 15.28
N SER A 111 -10.61 -5.24 16.24
CA SER A 111 -10.59 -4.75 17.62
C SER A 111 -9.21 -4.91 18.24
N SER A 112 -8.59 -6.07 18.02
CA SER A 112 -7.25 -6.35 18.55
C SER A 112 -6.23 -5.40 17.93
N LEU A 113 -6.40 -5.13 16.63
CA LEU A 113 -5.51 -4.25 15.88
C LEU A 113 -5.62 -2.76 16.23
N TYR A 114 -6.84 -2.25 16.27
CA TYR A 114 -7.05 -0.83 16.54
C TYR A 114 -7.40 -0.35 17.94
N MET A 115 -7.79 -1.25 18.82
CA MET A 115 -8.13 -0.81 20.17
C MET A 115 -6.91 -0.74 21.07
N LYS A 116 -6.98 0.17 22.04
CA LYS A 116 -5.91 0.42 23.00
C LYS A 116 -5.28 -0.83 23.60
N PRO A 117 -3.97 -1.01 23.41
CA PRO A 117 -3.23 -2.18 23.94
C PRO A 117 -3.09 -2.10 25.47
N VAL A 118 -4.21 -2.29 26.15
CA VAL A 118 -4.24 -2.23 27.62
C VAL A 118 -3.27 -3.24 28.25
N GLU A 119 -3.04 -4.35 27.57
CA GLU A 119 -2.15 -5.40 28.08
C GLU A 119 -0.67 -5.01 27.98
N GLN A 120 -0.27 -4.01 28.77
CA GLN A 120 1.11 -3.53 28.83
C GLN A 120 1.65 -2.81 27.58
N PRO A 121 1.37 -3.36 26.40
CA PRO A 121 1.83 -2.80 25.13
C PRO A 121 1.59 -1.30 24.95
N ASN A 122 0.69 -0.74 25.77
CA ASN A 122 0.39 0.69 25.71
C ASN A 122 1.65 1.51 25.93
N PRO A 123 2.55 1.00 26.78
CA PRO A 123 3.81 1.68 27.07
C PRO A 123 4.80 1.50 25.92
N ASN A 124 5.54 2.56 25.63
CA ASN A 124 6.54 2.57 24.57
C ASN A 124 5.94 2.45 23.16
N PRO A 125 5.40 1.27 22.84
CA PRO A 125 4.81 1.02 21.53
C PRO A 125 3.63 1.94 21.22
N GLY A 126 2.57 1.83 22.02
CA GLY A 126 1.38 2.65 21.80
C GLY A 126 1.42 4.00 22.51
N ALA A 127 2.46 4.23 23.31
CA ALA A 127 2.61 5.48 24.05
C ALA A 127 2.95 6.65 23.13
N ASN A 128 1.96 7.08 22.34
CA ASN A 128 2.12 8.17 21.39
C ASN A 128 0.80 8.50 20.71
N ILE A 129 -0.18 7.63 20.90
CA ILE A 129 -1.50 7.80 20.30
C ILE A 129 -2.44 8.40 21.34
N SER A 130 -3.18 9.43 20.95
CA SER A 130 -4.11 10.09 21.85
C SER A 130 -5.32 9.23 22.15
N ASP A 131 -6.03 9.57 23.23
CA ASP A 131 -7.22 8.85 23.61
C ASP A 131 -8.33 9.14 22.60
N ASN A 132 -8.29 10.33 22.01
CA ASN A 132 -9.27 10.71 21.00
C ASN A 132 -9.15 9.79 19.79
N ALA A 133 -7.91 9.49 19.41
CA ALA A 133 -7.66 8.61 18.27
C ALA A 133 -8.37 7.27 18.49
N TYR A 134 -8.19 6.68 19.67
CA TYR A 134 -8.83 5.42 19.99
C TYR A 134 -10.35 5.57 20.03
N ALA A 135 -10.82 6.69 20.54
CA ALA A 135 -12.25 6.98 20.63
C ALA A 135 -12.89 6.99 19.23
N GLN A 136 -12.25 7.70 18.30
CA GLN A 136 -12.77 7.79 16.94
C GLN A 136 -12.79 6.42 16.25
N LEU A 137 -11.73 5.64 16.45
CA LEU A 137 -11.65 4.31 15.85
C LEU A 137 -12.72 3.39 16.42
N GLY A 138 -12.97 3.51 17.72
CA GLY A 138 -14.00 2.72 18.37
C GLY A 138 -15.38 2.99 17.78
N LEU A 139 -15.68 4.26 17.49
CA LEU A 139 -16.95 4.64 16.89
C LEU A 139 -17.19 3.85 15.62
N VAL A 140 -16.16 3.79 14.78
CA VAL A 140 -16.21 3.06 13.52
C VAL A 140 -16.58 1.61 13.77
N LEU A 141 -15.86 0.96 14.67
CA LEU A 141 -16.13 -0.43 15.00
C LEU A 141 -17.53 -0.61 15.54
N ASP A 142 -17.92 0.25 16.46
CA ASP A 142 -19.24 0.20 17.07
C ASP A 142 -20.39 0.25 16.07
N ARG A 143 -20.37 1.24 15.18
CA ARG A 143 -21.46 1.34 14.21
C ARG A 143 -21.41 0.26 13.13
N SER A 144 -20.23 -0.29 12.87
CA SER A 144 -20.08 -1.36 11.88
C SER A 144 -20.90 -2.58 12.29
N VAL A 145 -20.91 -2.86 13.60
CA VAL A 145 -21.69 -3.96 14.15
C VAL A 145 -23.16 -3.73 13.77
N LEU A 146 -23.61 -2.48 13.90
CA LEU A 146 -24.98 -2.09 13.58
C LEU A 146 -25.27 -2.01 12.09
N GLU A 147 -24.24 -1.85 11.28
CA GLU A 147 -24.42 -1.75 9.83
C GLU A 147 -24.21 -3.05 9.06
N ALA A 148 -23.60 -4.04 9.72
CA ALA A 148 -23.32 -5.34 9.10
C ALA A 148 -24.55 -5.97 8.48
N PRO A 149 -24.45 -6.40 7.21
CA PRO A 149 -25.60 -7.03 6.55
C PRO A 149 -25.96 -8.32 7.27
N GLY A 150 -27.23 -8.43 7.66
CA GLY A 150 -27.68 -9.61 8.35
C GLY A 150 -27.49 -9.55 9.86
N GLY A 151 -26.87 -8.48 10.34
CA GLY A 151 -26.64 -8.32 11.77
C GLY A 151 -25.54 -9.19 12.33
N VAL A 152 -25.15 -8.88 13.56
CA VAL A 152 -24.09 -9.62 14.25
C VAL A 152 -24.63 -10.20 15.55
N ASP A 153 -24.68 -11.53 15.63
CA ASP A 153 -25.13 -12.22 16.82
C ASP A 153 -23.91 -12.69 17.61
N ARG A 154 -23.49 -11.84 18.55
CA ARG A 154 -22.32 -12.14 19.37
C ARG A 154 -22.44 -13.38 20.24
N GLU A 155 -23.66 -13.89 20.38
CA GLU A 155 -23.89 -15.07 21.19
C GLU A 155 -23.73 -16.38 20.42
N SER A 156 -23.78 -16.31 19.10
CA SER A 156 -23.66 -17.51 18.28
C SER A 156 -22.33 -18.23 18.44
N ALA A 157 -22.38 -19.56 18.35
CA ALA A 157 -21.20 -20.37 18.45
C ALA A 157 -20.27 -20.01 17.29
N SER A 158 -20.88 -19.81 16.12
CA SER A 158 -20.14 -19.44 14.92
C SER A 158 -19.34 -18.14 15.11
N PHE A 159 -19.98 -17.14 15.72
CA PHE A 159 -19.32 -15.88 15.97
C PHE A 159 -18.09 -16.11 16.86
N MET A 160 -18.31 -16.83 17.96
CA MET A 160 -17.24 -17.15 18.89
C MET A 160 -16.11 -17.93 18.24
N PHE A 161 -16.46 -18.79 17.29
CA PHE A 161 -15.46 -19.57 16.56
C PHE A 161 -14.60 -18.59 15.76
N GLY A 162 -15.26 -17.68 15.04
CA GLY A 162 -14.54 -16.69 14.25
C GLY A 162 -13.54 -15.95 15.12
N GLU A 163 -13.96 -15.57 16.32
CA GLU A 163 -13.08 -14.88 17.26
C GLU A 163 -11.84 -15.71 17.54
N ASP A 164 -12.03 -17.00 17.75
CA ASP A 164 -10.91 -17.91 18.02
C ASP A 164 -9.93 -17.87 16.85
N VAL A 165 -10.47 -17.93 15.63
CA VAL A 165 -9.64 -17.89 14.43
C VAL A 165 -8.80 -16.61 14.44
N ALA A 166 -9.43 -15.48 14.73
CA ALA A 166 -8.73 -14.19 14.79
C ALA A 166 -7.65 -14.15 15.86
N ASP A 167 -7.92 -14.76 17.01
CA ASP A 167 -6.94 -14.80 18.09
C ASP A 167 -5.65 -15.47 17.63
N VAL A 168 -5.79 -16.58 16.93
CA VAL A 168 -4.66 -17.33 16.42
C VAL A 168 -3.83 -16.49 15.46
N PHE A 169 -4.48 -15.92 14.46
CA PHE A 169 -3.78 -15.07 13.49
C PHE A 169 -3.16 -13.83 14.13
N PHE A 170 -3.86 -13.21 15.07
CA PHE A 170 -3.33 -12.03 15.73
C PHE A 170 -2.05 -12.36 16.52
N ALA A 171 -2.13 -13.37 17.37
CA ALA A 171 -0.98 -13.78 18.17
C ALA A 171 0.19 -14.20 17.29
N LEU A 172 -0.12 -14.82 16.15
CA LEU A 172 0.90 -15.28 15.22
C LEU A 172 1.55 -14.18 14.37
N LEU A 173 0.74 -13.35 13.73
CA LEU A 173 1.27 -12.33 12.82
C LEU A 173 1.43 -10.89 13.27
N ASN A 174 0.86 -10.52 14.41
CA ASN A 174 0.99 -9.15 14.87
C ASN A 174 2.44 -8.79 15.17
N ASP A 175 2.84 -7.60 14.74
CA ASP A 175 4.20 -7.11 14.98
C ASP A 175 4.05 -5.80 15.73
N PRO A 176 3.96 -5.86 17.06
CA PRO A 176 3.80 -4.66 17.89
C PRO A 176 4.88 -3.59 17.69
N ARG A 177 6.14 -3.99 17.56
CA ARG A 177 7.22 -3.04 17.38
C ARG A 177 7.65 -2.86 15.92
N GLY A 178 6.74 -3.13 15.00
CA GLY A 178 7.05 -3.01 13.58
C GLY A 178 7.60 -1.69 13.11
N ALA A 179 6.94 -0.60 13.49
CA ALA A 179 7.35 0.74 13.10
C ALA A 179 8.40 1.42 13.98
N SER A 180 9.13 0.66 14.78
CA SER A 180 10.14 1.24 15.65
C SER A 180 11.31 1.81 14.85
N GLN A 181 11.81 2.98 15.27
CA GLN A 181 12.94 3.61 14.61
C GLN A 181 14.08 3.84 15.61
N GLU A 182 13.87 3.40 16.85
CA GLU A 182 14.85 3.57 17.93
C GLU A 182 16.20 2.98 17.57
N GLY A 183 17.23 3.82 17.60
CA GLY A 183 18.57 3.36 17.28
C GLY A 183 18.98 3.68 15.85
N TYR A 184 18.02 4.03 14.99
CA TYR A 184 18.35 4.36 13.62
C TYR A 184 18.72 5.83 13.44
N HIS A 185 19.69 6.07 12.57
CA HIS A 185 20.15 7.40 12.23
C HIS A 185 20.77 7.29 10.84
N PRO A 186 20.51 8.28 9.97
CA PRO A 186 21.05 8.26 8.61
C PRO A 186 22.56 8.33 8.56
N THR A 187 23.11 7.85 7.45
CA THR A 187 24.55 7.87 7.21
C THR A 187 24.72 8.75 5.97
N PRO A 188 24.85 10.07 6.16
CA PRO A 188 25.01 11.03 5.07
C PRO A 188 26.14 10.72 4.10
N GLY A 189 25.90 11.02 2.83
CA GLY A 189 26.87 10.78 1.79
C GLY A 189 26.13 10.75 0.46
N ARG A 190 26.87 10.67 -0.63
CA ARG A 190 26.25 10.64 -1.94
C ARG A 190 25.41 9.38 -2.03
N TYR A 191 24.22 9.52 -2.62
CA TYR A 191 23.27 8.42 -2.80
C TYR A 191 22.62 7.98 -1.49
N LYS A 192 22.96 8.63 -0.38
CA LYS A 192 22.42 8.24 0.92
C LYS A 192 21.22 9.00 1.45
N PHE A 193 20.23 8.25 1.90
CA PHE A 193 18.99 8.80 2.47
C PHE A 193 19.31 9.59 3.73
N ASP A 194 18.64 10.73 3.87
CA ASP A 194 18.81 11.60 5.02
C ASP A 194 17.52 12.42 5.15
N ASP A 195 17.44 13.26 6.18
CA ASP A 195 16.26 14.08 6.40
C ASP A 195 15.88 14.91 5.18
N GLU A 196 14.58 14.96 4.90
CA GLU A 196 14.02 15.71 3.78
C GLU A 196 14.39 17.19 3.91
N PRO A 197 15.02 17.77 2.88
CA PRO A 197 15.39 19.18 2.96
C PRO A 197 14.20 20.13 3.16
N THR A 198 13.03 19.73 2.67
CA THR A 198 11.81 20.53 2.81
C THR A 198 11.11 20.33 4.16
N HIS A 199 11.39 19.21 4.81
CA HIS A 199 10.79 18.89 6.11
C HIS A 199 11.85 18.14 6.90
N PRO A 200 12.94 18.83 7.27
CA PRO A 200 14.04 18.24 8.02
C PRO A 200 13.70 17.83 9.46
N VAL A 201 12.72 18.50 10.05
CA VAL A 201 12.30 18.23 11.41
C VAL A 201 10.83 18.67 11.54
N VAL A 202 10.12 18.07 12.50
CA VAL A 202 8.72 18.39 12.76
C VAL A 202 8.51 18.61 14.25
N LEU A 203 7.65 19.56 14.60
CA LEU A 203 7.36 19.83 16.01
C LEU A 203 6.11 19.06 16.43
N ILE A 204 6.29 18.09 17.30
CA ILE A 204 5.19 17.27 17.78
C ILE A 204 4.92 17.57 19.26
N PRO A 205 3.64 17.49 19.67
CA PRO A 205 3.34 17.76 21.08
C PRO A 205 3.96 16.73 22.00
N VAL A 206 4.46 17.19 23.14
CA VAL A 206 5.10 16.32 24.12
C VAL A 206 4.05 15.34 24.60
N ASP A 207 2.81 15.80 24.69
CA ASP A 207 1.70 14.98 25.13
C ASP A 207 0.65 14.93 24.01
N PRO A 208 0.43 13.75 23.42
CA PRO A 208 -0.54 13.57 22.34
C PRO A 208 -1.95 14.00 22.74
N ASN A 209 -2.23 13.93 24.02
CA ASN A 209 -3.54 14.31 24.54
C ASN A 209 -3.76 15.81 24.65
N ASN A 210 -2.68 16.58 24.45
CA ASN A 210 -2.76 18.03 24.50
C ASN A 210 -1.97 18.54 23.29
N PRO A 211 -2.60 18.50 22.10
CA PRO A 211 -2.00 18.95 20.84
C PRO A 211 -1.71 20.45 20.77
N ASN A 212 -2.23 21.19 21.74
CA ASN A 212 -2.02 22.63 21.79
C ASN A 212 -1.00 23.00 22.85
N GLY A 213 -0.53 21.98 23.57
CA GLY A 213 0.47 22.20 24.60
C GLY A 213 1.85 22.27 24.00
N PRO A 214 2.90 22.08 24.81
CA PRO A 214 4.30 22.12 24.34
C PRO A 214 4.63 21.10 23.24
N LYS A 215 5.44 21.52 22.29
CA LYS A 215 5.85 20.67 21.19
C LYS A 215 7.31 20.30 21.41
N MET A 216 7.85 19.53 20.48
CA MET A 216 9.25 19.11 20.55
C MET A 216 9.71 18.69 19.16
N PRO A 217 10.98 18.97 18.83
CA PRO A 217 11.49 18.59 17.51
C PRO A 217 11.54 17.08 17.37
N PHE A 218 11.11 16.57 16.22
CA PHE A 218 11.10 15.15 15.97
C PHE A 218 11.55 14.84 14.55
N ARG A 219 12.42 13.85 14.41
CA ARG A 219 12.91 13.42 13.11
C ARG A 219 12.43 12.00 12.92
N GLN A 220 11.51 11.84 11.98
CA GLN A 220 10.90 10.55 11.70
C GLN A 220 11.55 9.76 10.60
N TYR A 221 11.62 8.44 10.80
CA TYR A 221 12.19 7.48 9.85
C TYR A 221 11.20 6.33 9.87
N HIS A 222 10.49 6.14 8.76
CA HIS A 222 9.48 5.09 8.71
C HIS A 222 9.87 3.63 8.60
N ALA A 223 9.71 2.92 9.72
CA ALA A 223 9.97 1.48 9.85
C ALA A 223 11.29 0.97 9.28
N PRO A 224 12.43 1.46 9.79
CA PRO A 224 13.75 1.02 9.28
C PRO A 224 14.15 -0.43 9.56
N PHE A 225 13.56 -1.06 10.56
CA PHE A 225 13.91 -2.44 10.89
C PHE A 225 12.83 -3.45 10.55
N TYR A 226 11.63 -2.97 10.24
CA TYR A 226 10.50 -3.81 9.90
C TYR A 226 10.78 -4.92 8.87
N GLY A 227 11.23 -4.51 7.69
CA GLY A 227 11.50 -5.47 6.63
C GLY A 227 12.44 -6.62 6.94
N LYS A 228 13.52 -6.35 7.66
CA LYS A 228 14.47 -7.40 7.99
C LYS A 228 14.09 -8.26 9.21
N THR A 229 13.31 -7.72 10.13
CA THR A 229 12.96 -8.47 11.32
C THR A 229 11.57 -9.09 11.40
N THR A 230 10.64 -8.59 10.59
CA THR A 230 9.26 -9.06 10.62
C THR A 230 8.96 -10.45 10.06
N LYS A 231 7.87 -11.05 10.54
CA LYS A 231 7.43 -12.35 10.07
C LYS A 231 6.68 -12.19 8.76
N ARG A 232 7.16 -12.86 7.72
CA ARG A 232 6.52 -12.83 6.42
C ARG A 232 5.23 -13.64 6.52
N PHE A 233 4.30 -13.40 5.60
CA PHE A 233 3.02 -14.09 5.60
C PHE A 233 2.96 -15.37 4.78
N ALA A 234 3.12 -15.25 3.47
CA ALA A 234 3.04 -16.39 2.56
C ALA A 234 4.18 -16.57 1.58
N THR A 235 5.23 -15.75 1.69
CA THR A 235 6.36 -15.91 0.78
C THR A 235 7.16 -17.15 1.17
N GLN A 236 7.65 -17.87 0.17
CA GLN A 236 8.41 -19.08 0.44
C GLN A 236 9.91 -18.86 0.26
N SER A 237 10.34 -17.60 0.25
CA SER A 237 11.74 -17.27 0.09
C SER A 237 11.98 -15.78 0.29
N GLU A 238 13.25 -15.41 0.34
CA GLU A 238 13.63 -14.01 0.49
C GLU A 238 13.78 -13.47 -0.92
N HIS A 239 13.39 -12.22 -1.12
CA HIS A 239 13.45 -11.61 -2.44
C HIS A 239 14.42 -10.47 -2.42
N PHE A 240 15.17 -10.32 -3.52
CA PHE A 240 16.18 -9.27 -3.63
C PHE A 240 16.09 -8.53 -4.95
N LEU A 241 16.64 -7.33 -4.97
CA LEU A 241 16.66 -6.49 -6.16
C LEU A 241 18.10 -6.20 -6.55
N ALA A 242 18.32 -5.84 -7.79
CA ALA A 242 19.65 -5.50 -8.29
C ALA A 242 20.07 -4.22 -7.56
N ASP A 243 21.38 -3.99 -7.48
CA ASP A 243 21.88 -2.78 -6.82
C ASP A 243 21.42 -1.60 -7.67
N PRO A 244 20.96 -0.52 -7.03
CA PRO A 244 20.50 0.64 -7.80
C PRO A 244 21.68 1.36 -8.46
N PRO A 245 21.43 2.04 -9.59
CA PRO A 245 22.49 2.77 -10.31
C PRO A 245 23.26 3.70 -9.37
N GLY A 246 24.58 3.56 -9.36
CA GLY A 246 25.40 4.38 -8.50
C GLY A 246 25.89 3.65 -7.26
N LEU A 247 25.24 2.56 -6.90
CA LEU A 247 25.66 1.80 -5.73
C LEU A 247 26.24 0.43 -6.02
N ARG A 248 27.14 0.00 -5.14
CA ARG A 248 27.79 -1.30 -5.17
C ARG A 248 28.19 -1.84 -6.55
N SER A 249 27.66 -3.00 -6.94
CA SER A 249 28.03 -3.58 -8.22
C SER A 249 27.63 -2.75 -9.44
N ASN A 250 26.69 -1.82 -9.25
CA ASN A 250 26.24 -0.98 -10.34
C ASN A 250 26.69 0.47 -10.17
N ALA A 251 27.75 0.66 -9.40
CA ALA A 251 28.28 1.99 -9.17
C ALA A 251 28.85 2.60 -10.46
N ASP A 252 29.08 1.75 -11.45
CA ASP A 252 29.63 2.18 -12.72
C ASP A 252 28.54 2.63 -13.69
N GLU A 253 27.29 2.44 -13.31
CA GLU A 253 26.15 2.81 -14.14
C GLU A 253 25.87 4.32 -14.04
N THR A 254 26.85 5.11 -14.44
CA THR A 254 26.75 6.56 -14.35
C THR A 254 25.86 7.21 -15.40
N ALA A 255 25.89 6.70 -16.63
CA ALA A 255 25.06 7.25 -17.71
C ALA A 255 23.57 7.13 -17.36
N GLU A 256 23.23 6.00 -16.74
CA GLU A 256 21.86 5.73 -16.32
C GLU A 256 21.49 6.74 -15.23
N TYR A 257 22.33 6.84 -14.21
CA TYR A 257 22.08 7.76 -13.12
C TYR A 257 21.94 9.21 -13.58
N ASP A 258 22.89 9.68 -14.38
CA ASP A 258 22.85 11.05 -14.90
C ASP A 258 21.57 11.31 -15.66
N ASP A 259 21.17 10.39 -16.53
CA ASP A 259 19.96 10.57 -17.29
C ASP A 259 18.75 10.51 -16.37
N ALA A 260 18.85 9.71 -15.30
CA ALA A 260 17.77 9.57 -14.32
C ALA A 260 17.54 10.91 -13.63
N VAL A 261 18.63 11.63 -13.32
CA VAL A 261 18.55 12.94 -12.69
C VAL A 261 17.83 13.90 -13.63
N ARG A 262 18.19 13.80 -14.91
CA ARG A 262 17.62 14.61 -15.98
C ARG A 262 16.10 14.39 -16.08
N VAL A 263 15.70 13.12 -16.19
CA VAL A 263 14.29 12.76 -16.26
C VAL A 263 13.55 13.17 -14.97
N ALA A 264 14.23 13.08 -13.83
CA ALA A 264 13.64 13.46 -12.56
C ALA A 264 13.22 14.92 -12.54
N ILE A 265 14.14 15.81 -12.92
CA ILE A 265 13.85 17.25 -12.95
C ILE A 265 12.71 17.61 -13.89
N ALA A 266 12.77 17.07 -15.11
CA ALA A 266 11.77 17.35 -16.12
C ALA A 266 10.38 16.79 -15.82
N MET A 267 10.33 15.56 -15.30
CA MET A 267 9.05 14.93 -15.03
C MET A 267 8.41 15.08 -13.66
N GLY A 268 9.21 15.35 -12.63
CA GLY A 268 8.65 15.46 -11.30
C GLY A 268 8.81 16.76 -10.55
N GLY A 269 9.11 17.85 -11.26
CA GLY A 269 9.29 19.13 -10.60
C GLY A 269 7.99 19.84 -10.28
N ALA A 270 8.08 20.91 -9.49
CA ALA A 270 6.91 21.70 -9.11
C ALA A 270 6.23 22.20 -10.37
N GLN A 271 4.90 22.31 -10.31
CA GLN A 271 4.10 22.74 -11.45
C GLN A 271 4.62 23.96 -12.22
N ALA A 272 4.98 25.01 -11.50
CA ALA A 272 5.44 26.23 -12.14
C ALA A 272 6.91 26.35 -12.52
N LEU A 273 7.75 25.38 -12.20
CA LEU A 273 9.16 25.52 -12.56
C LEU A 273 9.33 25.43 -14.07
N ASN A 274 10.20 26.28 -14.60
CA ASN A 274 10.47 26.31 -16.04
C ASN A 274 11.04 24.99 -16.56
N SER A 275 11.71 24.25 -15.69
CA SER A 275 12.31 22.97 -16.06
C SER A 275 11.31 21.82 -16.08
N THR A 276 10.11 22.05 -15.57
CA THR A 276 9.09 21.01 -15.53
C THR A 276 8.41 20.86 -16.89
N LYS A 277 8.52 19.65 -17.46
CA LYS A 277 7.97 19.31 -18.76
C LYS A 277 6.77 18.37 -18.69
N ARG A 278 6.43 17.93 -17.48
CA ARG A 278 5.30 17.03 -17.26
C ARG A 278 4.00 17.71 -17.71
N SER A 279 3.16 16.96 -18.44
CA SER A 279 1.90 17.50 -18.93
C SER A 279 0.79 17.48 -17.86
N PRO A 280 -0.29 18.26 -18.07
CA PRO A 280 -1.38 18.30 -17.09
C PRO A 280 -1.97 16.92 -16.87
N TRP A 281 -2.04 16.12 -17.92
CA TRP A 281 -2.58 14.77 -17.80
C TRP A 281 -1.64 13.92 -16.95
N GLN A 282 -0.33 14.06 -17.17
CA GLN A 282 0.63 13.31 -16.37
C GLN A 282 0.58 13.74 -14.90
N THR A 283 0.28 15.00 -14.65
CA THR A 283 0.15 15.51 -13.27
C THR A 283 -1.03 14.80 -12.60
N ALA A 284 -2.10 14.59 -13.38
CA ALA A 284 -3.29 13.91 -12.88
C ALA A 284 -2.95 12.46 -12.53
N GLN A 285 -2.22 11.78 -13.41
CA GLN A 285 -1.82 10.39 -13.17
C GLN A 285 -1.00 10.30 -11.89
N GLY A 286 -0.17 11.31 -11.63
CA GLY A 286 0.63 11.33 -10.42
C GLY A 286 -0.21 11.39 -9.15
N LEU A 287 -1.13 12.34 -9.08
CA LEU A 287 -1.99 12.52 -7.90
C LEU A 287 -3.01 11.40 -7.73
N TYR A 288 -3.51 10.88 -8.84
CA TYR A 288 -4.51 9.81 -8.84
C TYR A 288 -4.13 8.62 -7.94
N TRP A 289 -2.88 8.17 -8.06
CA TRP A 289 -2.41 7.02 -7.31
C TRP A 289 -1.75 7.32 -5.98
N ALA A 290 -1.75 8.58 -5.55
CA ALA A 290 -1.07 8.97 -4.32
C ALA A 290 -1.45 8.25 -3.02
N TYR A 291 -2.56 8.63 -2.40
CA TYR A 291 -3.00 8.04 -1.14
C TYR A 291 -1.84 7.96 -0.17
N ASP A 292 -1.13 9.08 -0.04
CA ASP A 292 0.04 9.15 0.82
C ASP A 292 -0.20 9.39 2.32
N GLY A 293 -1.18 8.69 2.88
CA GLY A 293 -1.48 8.82 4.30
C GLY A 293 -2.18 10.09 4.71
N SER A 294 -2.92 10.70 3.79
CA SER A 294 -3.63 11.96 4.06
C SER A 294 -4.93 11.83 4.84
N ASN A 295 -5.39 12.94 5.41
CA ASN A 295 -6.63 12.99 6.16
C ASN A 295 -7.79 12.52 5.30
N LEU A 296 -8.61 11.64 5.87
CA LEU A 296 -9.80 11.08 5.22
C LEU A 296 -9.52 10.21 4.00
N ILE A 297 -8.25 9.96 3.73
CA ILE A 297 -7.87 9.17 2.55
C ILE A 297 -7.12 7.88 2.90
N GLY A 298 -6.11 7.98 3.74
CA GLY A 298 -5.35 6.81 4.11
C GLY A 298 -4.13 6.57 3.23
N THR A 299 -3.70 5.31 3.19
CA THR A 299 -2.52 4.89 2.45
C THR A 299 -2.84 4.10 1.17
N PRO A 300 -1.80 3.78 0.35
CA PRO A 300 -2.00 3.04 -0.90
C PRO A 300 -2.80 1.74 -0.81
N PRO A 301 -2.54 0.88 0.19
CA PRO A 301 -3.33 -0.36 0.29
C PRO A 301 -4.84 -0.13 0.24
N ARG A 302 -5.30 1.01 0.79
CA ARG A 302 -6.72 1.31 0.77
C ARG A 302 -7.22 1.49 -0.67
N PHE A 303 -6.49 2.25 -1.49
CA PHE A 303 -6.90 2.47 -2.88
C PHE A 303 -6.88 1.18 -3.68
N TYR A 304 -5.86 0.35 -3.49
CA TYR A 304 -5.74 -0.92 -4.22
C TYR A 304 -6.94 -1.82 -3.93
N ASN A 305 -7.41 -1.80 -2.68
CA ASN A 305 -8.58 -2.59 -2.29
C ASN A 305 -9.84 -1.99 -2.90
N GLN A 306 -9.90 -0.66 -2.99
CA GLN A 306 -11.05 0.00 -3.61
C GLN A 306 -11.16 -0.41 -5.06
N ILE A 307 -10.02 -0.50 -5.73
CA ILE A 307 -9.99 -0.93 -7.13
C ILE A 307 -10.36 -2.42 -7.23
N VAL A 308 -9.78 -3.24 -6.37
CA VAL A 308 -10.06 -4.67 -6.35
C VAL A 308 -11.53 -4.97 -6.08
N ARG A 309 -12.16 -4.15 -5.22
CA ARG A 309 -13.58 -4.30 -4.93
C ARG A 309 -14.39 -4.17 -6.23
N ARG A 310 -14.04 -3.16 -7.04
CA ARG A 310 -14.71 -2.95 -8.31
C ARG A 310 -14.50 -4.13 -9.25
N ILE A 311 -13.25 -4.59 -9.35
CA ILE A 311 -12.92 -5.73 -10.20
C ILE A 311 -13.70 -6.96 -9.75
N ALA A 312 -13.76 -7.18 -8.44
CA ALA A 312 -14.46 -8.32 -7.84
C ALA A 312 -15.94 -8.37 -8.21
N VAL A 313 -16.62 -7.23 -8.09
CA VAL A 313 -18.03 -7.15 -8.42
C VAL A 313 -18.26 -7.17 -9.93
N THR A 314 -17.39 -6.51 -10.68
CA THR A 314 -17.50 -6.47 -12.12
C THR A 314 -17.37 -7.86 -12.75
N TYR A 315 -16.56 -8.73 -12.14
CA TYR A 315 -16.35 -10.07 -12.68
C TYR A 315 -16.89 -11.24 -11.87
N LYS A 316 -17.87 -10.97 -11.01
CA LYS A 316 -18.46 -12.01 -10.18
C LYS A 316 -19.23 -13.00 -11.06
N LYS A 317 -19.33 -14.24 -10.60
CA LYS A 317 -20.01 -15.29 -11.34
C LYS A 317 -21.52 -15.21 -11.22
N GLU A 318 -22.03 -14.74 -10.09
CA GLU A 318 -23.47 -14.64 -9.91
C GLU A 318 -23.92 -13.22 -9.63
N GLU A 319 -25.09 -12.85 -10.15
CA GLU A 319 -25.62 -11.51 -9.98
C GLU A 319 -25.98 -11.09 -8.55
N ASP A 320 -26.40 -12.04 -7.73
CA ASP A 320 -26.77 -11.72 -6.35
C ASP A 320 -25.56 -11.50 -5.47
N LEU A 321 -25.39 -10.29 -5.00
CA LEU A 321 -24.28 -9.94 -4.12
C LEU A 321 -24.56 -10.38 -2.68
N ALA A 322 -25.82 -10.26 -2.26
CA ALA A 322 -26.23 -10.60 -0.91
C ALA A 322 -26.23 -12.08 -0.52
N ASN A 323 -26.95 -12.91 -1.28
CA ASN A 323 -27.05 -14.33 -0.95
C ASN A 323 -26.46 -15.24 -2.03
N SER A 324 -25.14 -15.39 -2.02
CA SER A 324 -24.48 -16.24 -3.00
C SER A 324 -23.21 -16.77 -2.39
N GLU A 325 -23.17 -18.08 -2.15
CA GLU A 325 -21.99 -18.69 -1.59
C GLU A 325 -20.85 -18.70 -2.61
N VAL A 326 -21.22 -18.73 -3.89
CA VAL A 326 -20.23 -18.72 -4.97
C VAL A 326 -19.49 -17.38 -4.89
N ASN A 327 -20.25 -16.29 -4.75
CA ASN A 327 -19.66 -14.96 -4.63
C ASN A 327 -18.88 -14.80 -3.32
N ASN A 328 -19.47 -15.24 -2.21
CA ASN A 328 -18.80 -15.15 -0.90
C ASN A 328 -17.45 -15.83 -0.89
N ALA A 329 -17.38 -17.04 -1.45
CA ALA A 329 -16.16 -17.81 -1.53
C ALA A 329 -15.15 -17.12 -2.44
N ASP A 330 -15.62 -16.65 -3.58
CA ASP A 330 -14.80 -15.97 -4.56
C ASP A 330 -14.14 -14.74 -3.94
N PHE A 331 -14.94 -13.90 -3.28
CA PHE A 331 -14.44 -12.68 -2.64
C PHE A 331 -13.50 -12.98 -1.46
N ALA A 332 -13.87 -13.97 -0.63
CA ALA A 332 -13.06 -14.35 0.51
C ALA A 332 -11.69 -14.83 0.06
N ARG A 333 -11.66 -15.58 -1.04
CA ARG A 333 -10.43 -16.10 -1.59
C ARG A 333 -9.59 -15.00 -2.26
N LEU A 334 -10.22 -14.23 -3.15
CA LEU A 334 -9.53 -13.15 -3.84
C LEU A 334 -8.86 -12.16 -2.88
N PHE A 335 -9.62 -11.66 -1.91
CA PHE A 335 -9.08 -10.69 -0.97
C PHE A 335 -7.96 -11.18 -0.08
N ALA A 336 -7.99 -12.47 0.27
CA ALA A 336 -6.93 -13.04 1.09
C ALA A 336 -5.67 -13.05 0.23
N LEU A 337 -5.77 -13.53 -1.00
CA LEU A 337 -4.64 -13.58 -1.91
C LEU A 337 -4.03 -12.20 -2.15
N VAL A 338 -4.89 -11.24 -2.48
CA VAL A 338 -4.49 -9.87 -2.74
C VAL A 338 -3.86 -9.16 -1.54
N ASP A 339 -4.54 -9.18 -0.40
CA ASP A 339 -4.02 -8.52 0.78
C ASP A 339 -2.80 -9.18 1.42
N VAL A 340 -2.63 -10.48 1.20
CA VAL A 340 -1.45 -11.16 1.72
C VAL A 340 -0.29 -10.76 0.80
N ALA A 341 -0.55 -10.73 -0.52
CA ALA A 341 0.47 -10.34 -1.49
C ALA A 341 0.91 -8.90 -1.19
N CYS A 342 -0.05 -8.06 -0.85
CA CYS A 342 0.22 -6.66 -0.53
C CYS A 342 1.07 -6.54 0.73
N THR A 343 0.74 -7.33 1.75
CA THR A 343 1.49 -7.34 3.01
C THR A 343 2.95 -7.71 2.80
N ASP A 344 3.18 -8.81 2.08
CA ASP A 344 4.55 -9.27 1.80
C ASP A 344 5.30 -8.31 0.89
N ALA A 345 4.58 -7.67 -0.03
CA ALA A 345 5.18 -6.70 -0.93
C ALA A 345 5.70 -5.52 -0.09
N GLY A 346 4.96 -5.19 0.96
CA GLY A 346 5.34 -4.12 1.86
C GLY A 346 6.58 -4.48 2.65
N ILE A 347 6.65 -5.74 3.09
CA ILE A 347 7.80 -6.24 3.85
C ILE A 347 9.09 -6.17 3.05
N PHE A 348 9.06 -6.70 1.82
CA PHE A 348 10.24 -6.70 0.97
C PHE A 348 10.64 -5.38 0.35
N SER A 349 9.66 -4.51 0.05
CA SER A 349 10.01 -3.20 -0.50
C SER A 349 10.71 -2.43 0.62
N TRP A 350 10.18 -2.57 1.84
CA TRP A 350 10.78 -1.89 2.98
C TRP A 350 12.14 -2.47 3.33
N LYS A 351 12.26 -3.79 3.25
CA LYS A 351 13.53 -4.46 3.52
C LYS A 351 14.60 -3.92 2.57
N GLU A 352 14.28 -3.83 1.28
CA GLU A 352 15.21 -3.34 0.29
C GLU A 352 15.44 -1.82 0.39
N LYS A 353 14.38 -1.09 0.73
CA LYS A 353 14.47 0.36 0.89
C LYS A 353 15.54 0.70 1.91
N TRP A 354 15.43 0.14 3.09
CA TRP A 354 16.39 0.41 4.15
C TRP A 354 17.71 -0.32 4.02
N GLU A 355 17.78 -1.27 3.10
CA GLU A 355 18.99 -2.01 2.84
C GLU A 355 19.93 -1.09 2.07
N PHE A 356 19.42 -0.53 0.97
CA PHE A 356 20.21 0.36 0.14
C PHE A 356 20.25 1.80 0.67
N GLU A 357 19.18 2.24 1.33
CA GLU A 357 19.08 3.60 1.84
C GLU A 357 19.36 4.63 0.75
N PHE A 358 18.84 4.36 -0.43
CA PHE A 358 19.02 5.23 -1.58
C PHE A 358 18.22 6.52 -1.37
N TRP A 359 18.84 7.66 -1.66
CA TRP A 359 18.19 8.94 -1.47
C TRP A 359 17.08 9.23 -2.47
N ARG A 360 16.15 10.08 -2.06
CA ARG A 360 15.03 10.49 -2.90
C ARG A 360 15.50 11.49 -3.97
N PRO A 361 14.80 11.56 -5.12
CA PRO A 361 15.20 12.50 -6.16
C PRO A 361 15.42 13.94 -5.70
N LEU A 362 14.59 14.43 -4.78
CA LEU A 362 14.72 15.79 -4.25
C LEU A 362 16.13 16.03 -3.72
N SER A 363 16.62 15.12 -2.89
CA SER A 363 17.96 15.23 -2.32
C SER A 363 19.02 14.96 -3.37
N GLY A 364 18.78 13.98 -4.23
CA GLY A 364 19.72 13.66 -5.29
C GLY A 364 19.99 14.82 -6.22
N VAL A 365 18.93 15.48 -6.67
CA VAL A 365 19.02 16.62 -7.56
C VAL A 365 19.68 17.82 -6.87
N ARG A 366 19.21 18.13 -5.67
CA ARG A 366 19.74 19.24 -4.90
C ARG A 366 21.20 19.11 -4.52
N ASP A 367 21.55 17.96 -3.94
CA ASP A 367 22.91 17.68 -3.48
C ASP A 367 23.82 17.03 -4.51
N ASP A 368 23.38 16.99 -5.77
CA ASP A 368 24.19 16.39 -6.82
C ASP A 368 25.63 16.89 -6.76
N GLY A 369 25.81 18.19 -6.59
CA GLY A 369 27.14 18.76 -6.48
C GLY A 369 27.74 19.25 -7.78
N ARG A 370 27.27 18.76 -8.92
CA ARG A 370 27.80 19.17 -10.22
C ARG A 370 26.99 20.33 -10.79
N PRO A 371 27.65 21.48 -11.03
CA PRO A 371 27.03 22.68 -11.58
C PRO A 371 26.14 22.48 -12.79
N ASP A 372 26.51 21.54 -13.66
CA ASP A 372 25.74 21.26 -14.87
C ASP A 372 24.76 20.08 -14.78
N HIS A 373 24.56 19.53 -13.59
CA HIS A 373 23.66 18.40 -13.43
C HIS A 373 22.59 18.62 -12.38
N GLY A 374 22.99 19.09 -11.21
CA GLY A 374 22.03 19.31 -10.14
C GLY A 374 21.36 20.65 -10.19
N ASP A 375 20.42 20.83 -9.27
CA ASP A 375 19.68 22.07 -9.12
C ASP A 375 19.52 22.18 -7.61
N PRO A 376 20.41 22.96 -6.96
CA PRO A 376 20.37 23.15 -5.51
C PRO A 376 19.07 23.73 -4.95
N PHE A 377 18.20 24.21 -5.82
CA PHE A 377 16.94 24.82 -5.38
C PHE A 377 15.71 24.15 -5.97
N TRP A 378 15.88 22.93 -6.47
CA TRP A 378 14.79 22.18 -7.08
C TRP A 378 13.70 21.84 -6.07
N LEU A 379 12.47 21.75 -6.57
CA LEU A 379 11.31 21.41 -5.76
C LEU A 379 10.50 20.44 -6.60
N THR A 380 9.87 19.49 -5.93
CA THR A 380 9.08 18.48 -6.62
C THR A 380 7.59 18.80 -6.54
N LEU A 381 6.79 18.08 -7.34
CA LEU A 381 5.35 18.22 -7.29
C LEU A 381 5.02 17.64 -5.90
N GLY A 382 5.71 16.57 -5.55
CA GLY A 382 5.59 15.94 -4.24
C GLY A 382 4.32 15.20 -3.91
N ALA A 383 4.36 14.50 -2.78
CA ALA A 383 3.22 13.74 -2.29
C ALA A 383 2.20 14.78 -1.86
N PRO A 384 0.97 14.70 -2.39
CA PRO A 384 -0.09 15.64 -2.05
C PRO A 384 -0.52 15.65 -0.59
N ALA A 385 -0.57 16.85 -0.01
CA ALA A 385 -0.97 17.03 1.39
C ALA A 385 -2.48 17.31 1.35
N THR A 386 -3.25 16.29 1.03
CA THR A 386 -4.70 16.40 0.89
C THR A 386 -5.44 16.61 2.20
N ASN A 387 -6.47 17.43 2.16
CA ASN A 387 -7.31 17.74 3.30
C ASN A 387 -6.54 18.29 4.48
N THR A 388 -5.56 19.12 4.16
CA THR A 388 -4.73 19.78 5.15
C THR A 388 -4.18 21.01 4.43
N ASN A 389 -3.58 21.93 5.18
CA ASN A 389 -3.01 23.13 4.60
C ASN A 389 -1.48 23.06 4.51
N ASP A 390 -0.92 21.89 4.80
CA ASP A 390 0.51 21.66 4.74
C ASP A 390 0.93 21.55 3.26
N ILE A 391 2.19 21.84 2.96
CA ILE A 391 2.68 21.78 1.58
C ILE A 391 3.18 20.37 1.22
N PRO A 392 3.22 20.04 -0.09
CA PRO A 392 3.67 18.73 -0.59
C PRO A 392 5.00 18.26 0.00
N PHE A 393 5.01 17.03 0.47
CA PHE A 393 6.19 16.43 1.08
C PHE A 393 6.65 15.23 0.27
N LYS A 394 7.50 14.41 0.87
CA LYS A 394 7.98 13.19 0.23
C LYS A 394 8.12 12.20 1.38
N PRO A 395 7.61 10.97 1.19
CA PRO A 395 7.62 9.86 2.17
C PRO A 395 8.95 9.71 2.94
N PRO A 396 8.89 9.72 4.30
CA PRO A 396 10.04 9.60 5.21
C PRO A 396 10.77 8.24 5.24
N PHE A 397 11.18 7.78 4.07
CA PHE A 397 11.88 6.53 3.93
C PHE A 397 12.62 6.56 2.59
N PRO A 398 13.64 5.70 2.42
CA PRO A 398 14.45 5.63 1.19
C PRO A 398 13.63 5.41 -0.08
N ALA A 399 14.24 5.73 -1.20
CA ALA A 399 13.60 5.63 -2.50
C ALA A 399 13.48 4.26 -3.17
N TYR A 400 14.60 3.57 -3.33
CA TYR A 400 14.64 2.28 -4.01
C TYR A 400 14.35 1.04 -3.16
N PRO A 401 13.34 0.24 -3.52
CA PRO A 401 12.43 0.42 -4.67
C PRO A 401 11.20 1.21 -4.25
N SER A 402 10.40 1.63 -5.22
CA SER A 402 9.18 2.37 -4.92
C SER A 402 8.16 1.51 -4.19
N GLY A 403 7.67 1.99 -3.05
CA GLY A 403 6.68 1.25 -2.29
C GLY A 403 5.44 1.05 -3.14
N HIS A 404 4.98 2.12 -3.79
CA HIS A 404 3.81 2.08 -4.65
C HIS A 404 3.96 1.04 -5.74
N ALA A 405 5.11 1.06 -6.42
CA ALA A 405 5.39 0.12 -7.50
C ALA A 405 5.36 -1.33 -7.03
N THR A 406 5.94 -1.62 -5.87
CA THR A 406 5.97 -2.99 -5.35
C THR A 406 4.56 -3.45 -4.96
N PHE A 407 3.84 -2.59 -4.24
CA PHE A 407 2.47 -2.87 -3.82
C PHE A 407 1.64 -3.20 -5.06
N GLY A 408 1.68 -2.29 -6.03
CA GLY A 408 0.92 -2.46 -7.26
C GLY A 408 1.32 -3.71 -8.03
N GLY A 409 2.62 -3.96 -8.11
CA GLY A 409 3.10 -5.14 -8.82
C GLY A 409 2.49 -6.39 -8.22
N ALA A 410 2.51 -6.46 -6.90
CA ALA A 410 1.97 -7.61 -6.17
C ALA A 410 0.46 -7.75 -6.32
N VAL A 411 -0.26 -6.71 -5.94
CA VAL A 411 -1.73 -6.70 -6.00
C VAL A 411 -2.29 -7.02 -7.39
N PHE A 412 -1.79 -6.35 -8.42
CA PHE A 412 -2.31 -6.56 -9.75
C PHE A 412 -1.87 -7.82 -10.46
N GLN A 413 -0.71 -8.35 -10.09
CA GLN A 413 -0.24 -9.60 -10.69
C GLN A 413 -1.10 -10.70 -10.08
N MET A 414 -1.44 -10.55 -8.80
CA MET A 414 -2.29 -11.52 -8.10
C MET A 414 -3.67 -11.57 -8.78
N VAL A 415 -4.24 -10.39 -9.05
CA VAL A 415 -5.53 -10.28 -9.72
C VAL A 415 -5.46 -10.96 -11.09
N ARG A 416 -4.34 -10.77 -11.79
CA ARG A 416 -4.12 -11.37 -13.11
C ARG A 416 -4.04 -12.90 -13.06
N ARG A 417 -3.26 -13.44 -12.11
CA ARG A 417 -3.12 -14.89 -11.95
C ARG A 417 -4.48 -15.51 -11.61
N TYR A 418 -5.22 -14.83 -10.74
CA TYR A 418 -6.54 -15.28 -10.28
C TYR A 418 -7.64 -15.30 -11.36
N TYR A 419 -7.67 -14.28 -12.20
CA TYR A 419 -8.70 -14.20 -13.24
C TYR A 419 -8.33 -14.75 -14.61
N ASN A 420 -7.09 -15.18 -14.79
CA ASN A 420 -6.64 -15.73 -16.07
C ASN A 420 -7.47 -16.95 -16.46
N GLY A 421 -8.05 -16.92 -17.66
CA GLY A 421 -8.87 -18.02 -18.15
C GLY A 421 -10.34 -17.83 -17.78
N ARG A 422 -10.62 -16.82 -16.97
CA ARG A 422 -11.96 -16.52 -16.51
C ARG A 422 -12.50 -15.24 -17.17
N VAL A 423 -11.64 -14.24 -17.30
CA VAL A 423 -12.00 -12.95 -17.91
C VAL A 423 -11.46 -12.88 -19.33
N GLY A 424 -10.43 -13.67 -19.58
CA GLY A 424 -9.82 -13.72 -20.89
C GLY A 424 -8.68 -14.69 -20.72
N THR A 425 -7.79 -14.76 -21.70
CA THR A 425 -6.66 -15.66 -21.63
C THR A 425 -5.39 -14.90 -22.03
N TRP A 426 -4.34 -15.05 -21.24
CA TRP A 426 -3.08 -14.37 -21.50
C TRP A 426 -1.92 -15.13 -20.89
N LYS A 427 -0.71 -14.86 -21.36
CA LYS A 427 0.48 -15.48 -20.79
C LYS A 427 0.64 -14.72 -19.48
N ASP A 428 0.95 -15.43 -18.40
CA ASP A 428 1.09 -14.80 -17.10
C ASP A 428 2.04 -13.63 -16.97
N ASP A 429 2.86 -13.39 -17.98
CA ASP A 429 3.81 -12.28 -17.97
C ASP A 429 3.51 -11.27 -19.07
N GLU A 430 2.34 -11.38 -19.68
CA GLU A 430 1.92 -10.49 -20.75
C GLU A 430 0.58 -9.83 -20.40
N PRO A 431 0.30 -8.67 -21.01
CA PRO A 431 -0.94 -7.92 -20.77
C PRO A 431 -2.24 -8.71 -20.83
N ASP A 432 -3.10 -8.42 -19.88
CA ASP A 432 -4.41 -9.04 -19.72
C ASP A 432 -5.50 -8.14 -20.28
N ASN A 433 -6.76 -8.51 -20.04
CA ASN A 433 -7.91 -7.72 -20.51
C ASN A 433 -8.90 -7.42 -19.38
N ILE A 434 -8.40 -7.34 -18.15
CA ILE A 434 -9.24 -7.05 -16.99
C ILE A 434 -9.47 -5.53 -16.93
N ALA A 435 -10.45 -5.09 -17.68
CA ALA A 435 -10.81 -3.69 -17.77
C ALA A 435 -11.80 -3.28 -16.68
N ILE A 436 -11.77 -2.00 -16.34
CA ILE A 436 -12.69 -1.44 -15.35
C ILE A 436 -12.92 0.01 -15.75
N ASP A 437 -14.05 0.57 -15.33
CA ASP A 437 -14.35 1.96 -15.63
C ASP A 437 -15.11 2.53 -14.46
N MET A 438 -15.35 3.83 -14.49
CA MET A 438 -16.04 4.53 -13.42
C MET A 438 -15.17 4.48 -12.17
N MET A 439 -13.86 4.31 -12.37
CA MET A 439 -12.92 4.25 -11.25
C MET A 439 -12.46 5.65 -10.89
N ILE A 440 -12.78 6.06 -9.67
CA ILE A 440 -12.45 7.38 -9.17
C ILE A 440 -11.52 7.32 -7.98
N SER A 441 -10.49 8.15 -8.01
CA SER A 441 -9.54 8.23 -6.91
C SER A 441 -10.01 9.34 -5.98
N GLU A 442 -9.87 9.15 -4.68
CA GLU A 442 -10.30 10.17 -3.73
C GLU A 442 -9.35 11.38 -3.74
N GLU A 443 -8.25 11.25 -4.49
CA GLU A 443 -7.29 12.35 -4.62
C GLU A 443 -7.84 13.33 -5.65
N LEU A 444 -8.70 12.85 -6.53
CA LEU A 444 -9.29 13.65 -7.60
C LEU A 444 -10.77 13.26 -7.77
N ASN A 445 -11.60 13.61 -6.79
CA ASN A 445 -13.01 13.25 -6.82
C ASN A 445 -14.00 14.42 -6.75
N GLY A 446 -13.51 15.65 -6.84
CA GLY A 446 -14.38 16.81 -6.78
C GLY A 446 -14.90 17.12 -5.38
N VAL A 447 -14.36 16.46 -4.37
CA VAL A 447 -14.80 16.68 -2.99
C VAL A 447 -13.60 17.04 -2.12
N ASN A 448 -12.59 16.18 -2.12
CA ASN A 448 -11.39 16.42 -1.32
C ASN A 448 -10.64 17.64 -1.86
N ARG A 449 -9.84 18.27 -1.02
CA ARG A 449 -9.17 19.48 -1.44
C ARG A 449 -7.92 19.85 -0.67
N ASP A 450 -7.31 20.95 -1.10
CA ASP A 450 -6.14 21.48 -0.44
C ASP A 450 -6.68 22.68 0.34
N LEU A 451 -6.79 22.50 1.65
CA LEU A 451 -7.35 23.52 2.55
C LEU A 451 -6.54 24.80 2.71
N ARG A 452 -7.26 25.90 2.95
CA ARG A 452 -6.63 27.19 3.16
C ARG A 452 -6.31 27.36 4.64
N GLN A 453 -6.94 26.54 5.47
CA GLN A 453 -6.75 26.57 6.91
C GLN A 453 -6.67 25.14 7.41
N PRO A 454 -6.20 24.93 8.64
CA PRO A 454 -6.08 23.58 9.20
C PRO A 454 -7.38 22.78 9.14
N TYR A 455 -7.26 21.48 8.93
CA TYR A 455 -8.41 20.61 8.85
C TYR A 455 -9.24 20.62 10.15
N ASP A 456 -10.55 20.65 9.99
CA ASP A 456 -11.50 20.64 11.10
C ASP A 456 -12.25 19.31 11.08
N PRO A 457 -11.94 18.42 12.04
CA PRO A 457 -12.56 17.10 12.15
C PRO A 457 -14.01 17.05 12.64
N THR A 458 -14.59 18.20 12.94
CA THR A 458 -15.98 18.24 13.40
C THR A 458 -16.87 18.70 12.27
N ALA A 459 -16.27 19.11 11.16
CA ALA A 459 -17.03 19.60 10.02
C ALA A 459 -16.75 18.76 8.79
N PRO A 460 -17.76 18.54 7.94
CA PRO A 460 -17.55 17.74 6.74
C PRO A 460 -16.62 18.53 5.80
N ILE A 461 -15.81 17.82 5.05
CA ILE A 461 -14.85 18.43 4.14
C ILE A 461 -15.43 19.49 3.20
N GLU A 462 -16.68 19.29 2.77
CA GLU A 462 -17.35 20.23 1.85
C GLU A 462 -17.57 21.63 2.42
N ASP A 463 -17.62 21.72 3.74
CA ASP A 463 -17.86 23.01 4.40
C ASP A 463 -16.56 23.71 4.78
N GLN A 464 -15.44 23.20 4.29
CA GLN A 464 -14.14 23.78 4.60
C GLN A 464 -13.48 24.37 3.37
N PRO A 465 -13.17 25.67 3.43
CA PRO A 465 -12.54 26.40 2.31
C PRO A 465 -11.22 25.79 1.84
N GLY A 466 -11.07 25.70 0.53
CA GLY A 466 -9.86 25.16 -0.05
C GLY A 466 -10.05 24.98 -1.55
N ILE A 467 -9.01 24.56 -2.24
CA ILE A 467 -9.11 24.33 -3.68
C ILE A 467 -9.53 22.89 -3.88
N VAL A 468 -10.71 22.72 -4.47
CA VAL A 468 -11.28 21.39 -4.73
C VAL A 468 -10.55 20.65 -5.84
N ARG A 469 -10.27 19.38 -5.59
CA ARG A 469 -9.59 18.53 -6.55
C ARG A 469 -10.57 18.18 -7.66
N THR A 470 -10.12 18.34 -8.90
CA THR A 470 -10.95 18.05 -10.07
C THR A 470 -11.37 16.58 -10.05
N ARG A 471 -12.65 16.35 -10.32
CA ARG A 471 -13.17 14.99 -10.35
C ARG A 471 -12.81 14.36 -11.69
N ILE A 472 -12.06 13.26 -11.63
CA ILE A 472 -11.63 12.56 -12.83
C ILE A 472 -12.08 11.11 -12.78
N VAL A 473 -12.93 10.73 -13.74
CA VAL A 473 -13.47 9.38 -13.80
C VAL A 473 -12.63 8.61 -14.83
N ARG A 474 -12.00 7.53 -14.39
CA ARG A 474 -11.13 6.75 -15.26
C ARG A 474 -11.65 5.39 -15.68
N HIS A 475 -11.06 4.89 -16.76
CA HIS A 475 -11.33 3.58 -17.30
C HIS A 475 -9.94 3.04 -17.59
N PHE A 476 -9.75 1.75 -17.34
CA PHE A 476 -8.48 1.10 -17.59
C PHE A 476 -8.78 -0.15 -18.37
N ASP A 477 -7.88 -0.51 -19.29
CA ASP A 477 -8.07 -1.69 -20.13
C ASP A 477 -7.57 -2.98 -19.50
N SER A 478 -6.67 -2.86 -18.54
CA SER A 478 -6.13 -4.06 -17.93
C SER A 478 -5.45 -3.78 -16.61
N ALA A 479 -5.15 -4.85 -15.87
CA ALA A 479 -4.44 -4.75 -14.61
C ALA A 479 -2.98 -4.45 -14.93
N TRP A 480 -2.58 -4.74 -16.17
CA TRP A 480 -1.22 -4.47 -16.64
C TRP A 480 -1.06 -2.94 -16.69
N GLU A 481 -2.08 -2.25 -17.17
CA GLU A 481 -2.08 -0.80 -17.24
C GLU A 481 -2.09 -0.19 -15.83
N LEU A 482 -2.99 -0.68 -14.98
CA LEU A 482 -3.07 -0.20 -13.60
C LEU A 482 -1.69 -0.28 -12.96
N MET A 483 -1.06 -1.44 -13.11
CA MET A 483 0.26 -1.72 -12.56
C MET A 483 1.28 -0.69 -13.06
N PHE A 484 1.30 -0.48 -14.36
CA PHE A 484 2.20 0.47 -14.99
C PHE A 484 1.99 1.90 -14.51
N GLU A 485 0.76 2.39 -14.60
CA GLU A 485 0.46 3.76 -14.20
C GLU A 485 0.68 4.03 -12.73
N ASN A 486 0.36 3.07 -11.88
CA ASN A 486 0.58 3.23 -10.44
C ASN A 486 2.06 3.47 -10.17
N ALA A 487 2.91 2.76 -10.91
CA ALA A 487 4.35 2.89 -10.78
C ALA A 487 4.86 4.24 -11.29
N ILE A 488 4.53 4.61 -12.52
CA ILE A 488 5.03 5.89 -13.06
C ILE A 488 4.47 7.16 -12.40
N SER A 489 3.37 7.02 -11.66
CA SER A 489 2.77 8.17 -10.98
C SER A 489 3.78 8.79 -10.01
N ARG A 490 4.65 7.95 -9.44
CA ARG A 490 5.66 8.40 -8.49
C ARG A 490 6.78 9.17 -9.18
N ILE A 491 7.00 8.90 -10.46
CA ILE A 491 7.99 9.60 -11.24
C ILE A 491 7.42 11.01 -11.47
N PHE A 492 6.12 11.07 -11.75
CA PHE A 492 5.41 12.33 -11.98
C PHE A 492 5.36 13.20 -10.74
N LEU A 493 5.29 12.59 -9.56
CA LEU A 493 5.27 13.33 -8.30
C LEU A 493 6.67 13.79 -7.94
N GLY A 494 7.68 13.19 -8.57
CA GLY A 494 9.05 13.54 -8.28
C GLY A 494 9.61 12.87 -7.03
N VAL A 495 8.96 11.79 -6.60
CA VAL A 495 9.40 11.06 -5.40
C VAL A 495 10.13 9.76 -5.73
N ALA A 496 10.05 9.33 -6.98
CA ALA A 496 10.70 8.09 -7.40
C ALA A 496 11.63 8.31 -8.59
N TRP A 497 12.76 7.61 -8.58
CA TRP A 497 13.69 7.65 -9.70
C TRP A 497 13.03 6.67 -10.68
N ARG A 498 13.37 6.77 -11.97
CA ARG A 498 12.78 5.85 -12.94
C ARG A 498 13.04 4.37 -12.60
N PHE A 499 14.23 4.09 -12.08
CA PHE A 499 14.60 2.71 -11.73
C PHE A 499 13.96 2.20 -10.43
N ASP A 500 13.21 3.06 -9.74
CA ASP A 500 12.52 2.66 -8.52
C ASP A 500 11.25 1.92 -8.93
N ALA A 501 10.77 2.22 -10.13
CA ALA A 501 9.57 1.60 -10.67
C ALA A 501 9.93 0.31 -11.37
N ALA A 502 10.82 0.42 -12.35
CA ALA A 502 11.29 -0.73 -13.13
C ALA A 502 12.56 -0.33 -13.89
N ALA A 503 13.16 -1.31 -14.57
CA ALA A 503 14.35 -1.04 -15.35
C ALA A 503 13.95 -0.02 -16.41
N ALA A 504 14.71 1.07 -16.51
CA ALA A 504 14.41 2.11 -17.49
C ALA A 504 14.29 1.57 -18.91
N ARG A 505 15.02 0.49 -19.19
CA ARG A 505 15.01 -0.14 -20.50
C ARG A 505 13.66 -0.80 -20.82
N ASP A 506 12.91 -1.19 -19.79
CA ASP A 506 11.63 -1.83 -19.97
C ASP A 506 10.44 -0.87 -20.06
N ILE A 507 10.60 0.34 -19.55
CA ILE A 507 9.50 1.30 -19.58
C ILE A 507 9.68 2.54 -20.46
N LEU A 508 10.92 2.90 -20.78
CA LEU A 508 11.17 4.08 -21.61
C LEU A 508 11.57 3.75 -23.04
N ILE A 509 11.48 4.75 -23.91
CA ILE A 509 11.83 4.60 -25.32
C ILE A 509 13.32 4.89 -25.45
N PRO A 510 14.12 3.92 -25.92
CA PRO A 510 15.56 4.08 -26.08
C PRO A 510 16.01 4.92 -27.28
N THR A 511 17.26 5.40 -27.20
CA THR A 511 17.85 6.20 -28.27
C THR A 511 19.12 5.46 -28.69
N THR A 512 19.86 6.05 -29.62
CA THR A 512 21.10 5.47 -30.11
C THR A 512 22.17 5.45 -29.00
N THR A 513 22.00 6.32 -28.00
CA THR A 513 22.95 6.39 -26.89
C THR A 513 22.44 5.49 -25.78
N LYS A 514 23.30 4.61 -25.29
CA LYS A 514 22.92 3.69 -24.24
C LYS A 514 22.64 4.40 -22.92
N ASP A 515 21.58 3.95 -22.24
CA ASP A 515 21.15 4.49 -20.95
C ASP A 515 20.55 5.89 -21.02
N VAL A 516 20.37 6.39 -22.23
CA VAL A 516 19.78 7.70 -22.44
C VAL A 516 18.49 7.43 -23.21
N TYR A 517 17.38 7.99 -22.73
CA TYR A 517 16.10 7.74 -23.36
C TYR A 517 15.44 8.93 -24.06
N ALA A 518 14.53 8.60 -24.96
CA ALA A 518 13.79 9.56 -25.77
C ALA A 518 12.91 10.55 -25.03
N VAL A 519 12.82 11.76 -25.60
CA VAL A 519 12.00 12.83 -25.06
C VAL A 519 11.25 13.38 -26.26
N ASP A 520 10.08 13.97 -26.02
CA ASP A 520 9.29 14.52 -27.10
C ASP A 520 9.75 15.92 -27.51
N ASN A 521 9.00 16.54 -28.42
CA ASN A 521 9.30 17.87 -28.94
C ASN A 521 9.53 18.90 -27.84
N ASN A 522 8.78 18.78 -26.74
CA ASN A 522 8.91 19.73 -25.64
C ASN A 522 9.69 19.24 -24.42
N GLY A 523 10.50 18.19 -24.61
CA GLY A 523 11.31 17.68 -23.53
C GLY A 523 10.76 16.63 -22.58
N ALA A 524 9.47 16.33 -22.65
CA ALA A 524 8.89 15.33 -21.78
C ALA A 524 9.33 13.91 -22.16
N THR A 525 9.62 13.09 -21.16
CA THR A 525 10.04 11.71 -21.36
C THR A 525 8.91 10.89 -22.00
N VAL A 526 9.28 10.06 -22.97
CA VAL A 526 8.32 9.24 -23.67
C VAL A 526 8.36 7.81 -23.11
N PHE A 527 7.19 7.27 -22.76
CA PHE A 527 7.10 5.92 -22.20
C PHE A 527 6.67 4.94 -23.29
N GLN A 528 6.95 3.66 -23.07
CA GLN A 528 6.56 2.61 -24.01
C GLN A 528 5.06 2.41 -23.87
N ASN A 529 4.44 1.86 -24.90
CA ASN A 529 3.01 1.58 -24.86
C ASN A 529 2.82 0.44 -23.87
N VAL A 530 1.82 0.55 -23.00
CA VAL A 530 1.55 -0.48 -21.98
C VAL A 530 1.52 -1.90 -22.55
N GLU A 531 0.91 -2.05 -23.72
CA GLU A 531 0.82 -3.36 -24.34
C GLU A 531 2.17 -3.96 -24.72
N ASP A 532 3.18 -3.13 -24.89
CA ASP A 532 4.51 -3.60 -25.28
C ASP A 532 5.47 -3.78 -24.11
N ILE A 533 5.10 -3.29 -22.94
CA ILE A 533 5.98 -3.39 -21.78
C ILE A 533 6.14 -4.80 -21.23
N ARG A 534 7.40 -5.19 -21.06
CA ARG A 534 7.76 -6.50 -20.53
C ARG A 534 8.87 -6.28 -19.53
N TYR A 535 8.68 -6.71 -18.28
CA TYR A 535 9.68 -6.52 -17.24
C TYR A 535 10.73 -7.63 -17.27
N THR A 536 11.62 -7.53 -18.25
CA THR A 536 12.67 -8.52 -18.46
C THR A 536 14.09 -8.17 -18.00
N THR A 537 14.45 -6.91 -18.09
CA THR A 537 15.79 -6.45 -17.71
C THR A 537 16.13 -6.68 -16.25
N ARG A 538 17.18 -7.45 -16.01
CA ARG A 538 17.64 -7.76 -14.66
C ARG A 538 19.05 -7.21 -14.45
N GLY A 539 19.48 -7.13 -13.19
CA GLY A 539 20.79 -6.62 -12.89
C GLY A 539 21.50 -7.44 -11.84
N THR A 540 22.69 -7.00 -11.44
CA THR A 540 23.48 -7.72 -10.46
C THR A 540 23.44 -7.16 -9.05
N ARG A 541 23.88 -7.97 -8.09
CA ARG A 541 23.97 -7.60 -6.69
C ARG A 541 25.41 -7.86 -6.27
N GLU A 542 25.97 -6.95 -5.49
CA GLU A 542 27.34 -7.08 -5.03
C GLU A 542 27.48 -8.31 -4.13
N ASP A 543 26.51 -8.48 -3.24
CA ASP A 543 26.51 -9.55 -2.27
C ASP A 543 25.98 -10.93 -2.70
N GLU A 544 25.45 -11.03 -3.91
CA GLU A 544 24.90 -12.30 -4.36
C GLU A 544 25.14 -12.55 -5.82
N GLU A 545 25.34 -13.81 -6.18
CA GLU A 545 25.59 -14.19 -7.56
C GLU A 545 24.25 -14.34 -8.27
N GLY A 546 24.22 -14.02 -9.56
CA GLY A 546 23.00 -14.14 -10.33
C GLY A 546 22.41 -12.82 -10.76
N LEU A 547 21.26 -12.87 -11.44
CA LEU A 547 20.58 -11.67 -11.89
C LEU A 547 19.31 -11.48 -11.08
N PHE A 548 19.06 -10.24 -10.68
CA PHE A 548 17.90 -9.90 -9.88
C PHE A 548 17.06 -8.81 -10.54
N PRO A 549 15.76 -8.74 -10.18
CA PRO A 549 14.87 -7.73 -10.77
C PRO A 549 15.26 -6.31 -10.39
N ILE A 550 14.88 -5.35 -11.22
CA ILE A 550 15.19 -3.94 -10.99
C ILE A 550 13.89 -3.16 -10.77
N GLY A 551 13.77 -2.53 -9.61
CA GLY A 551 12.57 -1.75 -9.32
C GLY A 551 11.45 -2.48 -8.62
N GLY A 552 10.47 -1.69 -8.19
CA GLY A 552 9.32 -2.22 -7.47
C GLY A 552 8.37 -3.13 -8.22
N VAL A 553 7.99 -2.77 -9.44
CA VAL A 553 7.04 -3.60 -10.19
C VAL A 553 7.52 -5.05 -10.35
N PRO A 554 8.76 -5.27 -10.85
CA PRO A 554 9.26 -6.64 -11.01
C PRO A 554 9.30 -7.39 -9.69
N LEU A 555 9.66 -6.71 -8.60
CA LEU A 555 9.70 -7.35 -7.29
C LEU A 555 8.30 -7.81 -6.87
N GLY A 556 7.31 -6.92 -7.04
CA GLY A 556 5.94 -7.24 -6.70
C GLY A 556 5.39 -8.41 -7.49
N ILE A 557 5.63 -8.39 -8.80
CA ILE A 557 5.17 -9.48 -9.66
C ILE A 557 5.72 -10.81 -9.14
N GLU A 558 7.01 -10.82 -8.85
CA GLU A 558 7.72 -11.97 -8.32
C GLU A 558 7.09 -12.52 -7.04
N ILE A 559 6.75 -11.61 -6.12
CA ILE A 559 6.14 -11.99 -4.86
C ILE A 559 4.75 -12.60 -5.06
N ALA A 560 3.92 -11.97 -5.88
CA ALA A 560 2.58 -12.47 -6.16
C ALA A 560 2.61 -13.86 -6.80
N ASP A 561 3.46 -14.03 -7.82
CA ASP A 561 3.57 -15.32 -8.48
C ASP A 561 3.93 -16.42 -7.50
N GLU A 562 4.93 -16.17 -6.66
CA GLU A 562 5.37 -17.15 -5.67
C GLU A 562 4.24 -17.57 -4.73
N ILE A 563 3.60 -16.59 -4.10
CA ILE A 563 2.50 -16.84 -3.19
C ILE A 563 1.40 -17.65 -3.89
N PHE A 564 1.00 -17.20 -5.08
CA PHE A 564 -0.05 -17.84 -5.86
C PHE A 564 0.32 -19.28 -6.23
N ASN A 565 1.52 -19.46 -6.76
CA ASN A 565 2.00 -20.77 -7.16
C ASN A 565 2.01 -21.76 -6.00
N ASN A 566 2.13 -21.25 -4.78
CA ASN A 566 2.13 -22.11 -3.60
C ASN A 566 0.76 -22.23 -2.95
N GLY A 567 -0.25 -21.68 -3.62
CA GLY A 567 -1.62 -21.74 -3.14
C GLY A 567 -1.92 -21.07 -1.81
N LEU A 568 -1.18 -20.02 -1.47
CA LEU A 568 -1.37 -19.29 -0.21
C LEU A 568 -1.07 -20.20 0.99
N LYS A 569 0.21 -20.49 1.15
CA LYS A 569 0.73 -21.34 2.21
C LYS A 569 1.61 -20.47 3.10
N PRO A 570 1.55 -20.68 4.43
CA PRO A 570 2.37 -19.90 5.37
C PRO A 570 3.85 -20.00 5.05
N THR A 571 4.58 -18.96 5.40
CA THR A 571 6.02 -18.93 5.20
C THR A 571 6.56 -19.99 6.16
N PRO A 572 7.40 -20.92 5.67
CA PRO A 572 7.92 -21.93 6.60
C PRO A 572 8.65 -21.22 7.74
N PRO A 573 8.25 -21.49 8.98
CA PRO A 573 8.87 -20.86 10.16
C PRO A 573 10.39 -20.93 10.19
N GLU A 574 10.96 -21.91 9.48
CA GLU A 574 12.41 -22.07 9.43
C GLU A 574 13.09 -20.92 8.70
N ILE A 575 12.40 -20.31 7.75
CA ILE A 575 12.97 -19.21 6.98
C ILE A 575 12.57 -17.80 7.45
N GLN A 576 11.91 -17.73 8.60
CA GLN A 576 11.50 -16.46 9.16
C GLN A 576 12.75 -15.84 9.80
N PRO A 577 12.79 -14.50 9.92
CA PRO A 577 13.93 -13.79 10.52
C PRO A 577 14.12 -14.14 12.01
V VO4 B . 7.00 5.40 -2.36
O1 VO4 B . 7.23 6.97 -2.36
O2 VO4 B . 8.36 4.71 -2.15
O3 VO4 B . 6.40 4.97 -3.72
O4 VO4 B . 6.05 5.03 -1.16
#